data_9PF8
#
_entry.id   9PF8
#
_cell.length_a   68.390
_cell.length_b   68.450
_cell.length_c   68.550
_cell.angle_alpha   98.479
_cell.angle_beta   95.509
_cell.angle_gamma   108.602
#
_symmetry.space_group_name_H-M   'P 1'
#
loop_
_entity.id
_entity.type
_entity.pdbx_description
1 polymer "DNA (5'-D(*GP*AP*GP*CP*GP*AP*CP*CP*TP*GP*TP*AP*CP*GP*GP*AP*CP*AP*TP*CP*A)-3')"
2 polymer "DNA (5'-D(*TP*GP*TP*CP*TP*TP*GP*TP*GP*GP*TP*CP*GP*C)-3')"
3 polymer "DNA (5'-D(*TP*CP*TP*GP*AP*TP*GP*TP*GP*GP*TP*AP*GP*G)-3')"
4 polymer "DNA (5'-D(*AP*AP*CP*CP*TP*AP*CP*CP*TP*GP*GP*CP*AP*GP*GP*AP*CP*GP*AP*CP*T)-3')"
5 polymer "DNA (5'-D(*TP*TP*AP*GP*TP*CP*GP*TP*GP*GP*CP*TP*CP*G)-3')"
6 polymer "DNA (5'-D(*CP*AP*CP*GP*AP*GP*CP*CP*TP*GP*AP*TP*CP*GP*GP*AP*CP*AP*AP*GP*A)-3')"
7 polymer "DNA (5'-D(*CP*TP*GP*CP*CP*AP*CP*CP*GP*TP*AP*CP*AP*CP*CP*GP*AP*TP*CP*A)-3')"
#
loop_
_entity_poly.entity_id
_entity_poly.type
_entity_poly.pdbx_seq_one_letter_code
_entity_poly.pdbx_strand_id
1 'polydeoxyribonucleotide'
;(DG)(DA)(DG)(DC)(DG)(DA)(DC)(DC)(DT)(DG)(DT)(DA)(DC)(DG)(DG)(DA)(DC)(DA)(DT)(DC)
(DA)
;
A
2 'polydeoxyribonucleotide' (DT)(DG)(DT)(DC)(DT)(DT)(DG)(DT)(DG)(DG)(DT)(DC)(DG)(DC) E
3 'polydeoxyribonucleotide' (DT)(DC)(DT)(DG)(DA)(DT)(DG)(DT)(DG)(DG)(DT)(DA)(DG)(DG) D
4 'polydeoxyribonucleotide'
;(DA)(DA)(DC)(DC)(DT)(DA)(DC)(DC)(DT)(DG)(DG)(DC)(DA)(DG)(DG)(DA)(DC)(DG)(DA)(DC)
(DT)
;
B
5 'polydeoxyribonucleotide' (DT)(DT)(DA)(DG)(DT)(DC)(DG)(DT)(DG)(DG)(DC)(DT)(DC)(DG) F
6 'polydeoxyribonucleotide'
;(DC)(DA)(DC)(DG)(DA)(DG)(DC)(DC)(DT)(DG)(DA)(DT)(DC)(DG)(DG)(DA)(DC)(DA)(DA)(DG)
(DA)
;
C
7 'polydeoxyribonucleotide' (DC)(DT)(DG)(DC)(DC)(DA)(DC)(DC)(DG)(DT)(DA)(DC)(DA)(DC)(DC)(DG)(DA)(DT)(DC)(DA) M
#
loop_
_chem_comp.id
_chem_comp.type
_chem_comp.name
_chem_comp.formula
DA DNA linking 2'-DEOXYADENOSINE-5'-MONOPHOSPHATE 'C10 H14 N5 O6 P'
DC DNA linking 2'-DEOXYCYTIDINE-5'-MONOPHOSPHATE 'C9 H14 N3 O7 P'
DG DNA linking 2'-DEOXYGUANOSINE-5'-MONOPHOSPHATE 'C10 H14 N5 O7 P'
DT DNA linking THYMIDINE-5'-MONOPHOSPHATE 'C10 H15 N2 O8 P'
#